data_5PZJ
#
_entry.id   5PZJ
#
_cell.length_a   127.800
_cell.length_b   45.500
_cell.length_c   83.600
_cell.angle_alpha   90.000
_cell.angle_beta   102.040
_cell.angle_gamma   90.000
#
_symmetry.space_group_name_H-M   'C 1 2 1'
#
loop_
_entity.id
_entity.type
_entity.pdbx_description
1 polymer 'Nuclear autoantigen Sp-100'
2 non-polymer 'ZINC ION'
3 non-polymer '2-(N-MORPHOLINO)-ETHANESULFONIC ACID'
4 non-polymer 1,2-ETHANEDIOL
5 water water
#
_entity_poly.entity_id   1
_entity_poly.type   'polypeptide(L)'
_entity_poly.pdbx_seq_one_letter_code
;ENSNICEVCNKWGRLFCCDTCPRSFHEHCHIPSVEANKNPWSCIFCRIKTIQERCPESQSGHQESEVLMRQMLPEEQLKC
EFLLLKVYCDSKSCFFASEPYYNREGSQGPQKPMWLNKVKTSLNEQMYTRVEGFVQDMRLIFHNHKEFYREDKFTRLGIQ
VQDIFEKNFRNIFAIQETSK
;
_entity_poly.pdbx_strand_id   A,B
#
loop_
_chem_comp.id
_chem_comp.type
_chem_comp.name
_chem_comp.formula
EDO non-polymer 1,2-ETHANEDIOL 'C2 H6 O2'
MES non-polymer '2-(N-MORPHOLINO)-ETHANESULFONIC ACID' 'C6 H13 N O4 S'
ZN non-polymer 'ZINC ION' 'Zn 2'
#
# COMPACT_ATOMS: atom_id res chain seq x y z
N ASN A 2 13.50 -24.81 5.58
CA ASN A 2 12.97 -23.46 5.97
C ASN A 2 12.74 -22.57 4.74
N SER A 3 11.79 -21.64 4.87
CA SER A 3 11.59 -20.59 3.88
C SER A 3 12.86 -19.71 3.77
N ASN A 4 13.07 -19.16 2.56
CA ASN A 4 14.18 -18.26 2.22
C ASN A 4 13.77 -16.81 2.20
N ILE A 5 12.52 -16.47 2.60
CA ILE A 5 12.13 -15.09 2.86
C ILE A 5 11.48 -14.97 4.28
N CYS A 6 11.60 -13.79 4.85
CA CYS A 6 10.87 -13.40 6.07
C CYS A 6 9.36 -13.55 5.96
N GLU A 7 8.78 -14.21 6.95
CA GLU A 7 7.38 -14.46 6.94
C GLU A 7 6.56 -13.16 7.02
N VAL A 8 7.09 -12.14 7.66
CA VAL A 8 6.39 -10.87 7.93
C VAL A 8 6.47 -9.91 6.73
N CYS A 9 7.69 -9.65 6.25
CA CYS A 9 7.93 -8.56 5.25
C CYS A 9 8.21 -9.14 3.87
N ASN A 10 8.30 -10.48 3.74
CA ASN A 10 8.51 -11.18 2.49
C ASN A 10 9.81 -10.85 1.71
N LYS A 11 10.83 -10.34 2.40
CA LYS A 11 12.16 -10.06 1.85
C LYS A 11 13.17 -11.09 2.39
N TRP A 12 14.24 -11.30 1.60
CA TRP A 12 15.38 -12.06 2.06
C TRP A 12 16.24 -11.15 2.88
N GLY A 13 17.27 -11.74 3.48
CA GLY A 13 18.22 -11.01 4.27
C GLY A 13 18.81 -11.94 5.33
N ARG A 14 19.24 -11.37 6.44
CA ARG A 14 19.64 -12.11 7.66
C ARG A 14 18.42 -12.71 8.39
N LEU A 15 18.19 -13.99 8.20
CA LEU A 15 16.98 -14.65 8.64
C LEU A 15 17.34 -15.62 9.77
N PHE A 16 16.43 -15.77 10.73
CA PHE A 16 16.48 -16.80 11.77
C PHE A 16 15.38 -17.80 11.50
N CYS A 17 15.68 -19.08 11.53
CA CYS A 17 14.79 -20.11 11.12
C CYS A 17 14.11 -20.76 12.32
N CYS A 18 12.82 -21.07 12.17
CA CYS A 18 12.12 -21.76 13.26
C CYS A 18 12.57 -23.22 13.24
N ASP A 19 12.77 -23.80 14.41
CA ASP A 19 13.09 -25.25 14.49
C ASP A 19 11.89 -26.17 14.38
N THR A 20 10.69 -25.68 14.61
CA THR A 20 9.55 -26.56 14.61
C THR A 20 8.60 -26.32 13.50
N CYS A 21 8.92 -25.39 12.61
CA CYS A 21 8.09 -25.15 11.43
C CYS A 21 9.03 -24.53 10.40
N PRO A 22 8.62 -24.47 9.14
CA PRO A 22 9.47 -23.92 8.07
C PRO A 22 9.51 -22.38 7.90
N ARG A 23 8.96 -21.59 8.82
CA ARG A 23 9.04 -20.11 8.71
C ARG A 23 10.34 -19.56 9.07
N SER A 24 10.68 -18.41 8.49
CA SER A 24 11.87 -17.66 8.88
C SER A 24 11.57 -16.18 9.08
N PHE A 25 12.42 -15.49 9.83
CA PHE A 25 12.22 -14.13 10.28
C PHE A 25 13.45 -13.30 10.28
N HIS A 26 13.27 -12.04 9.90
CA HIS A 26 14.23 -11.07 10.33
C HIS A 26 14.13 -10.93 11.83
N GLU A 27 15.26 -10.55 12.42
CA GLU A 27 15.36 -10.32 13.85
C GLU A 27 14.24 -9.48 14.48
N HIS A 28 14.03 -8.27 13.95
CA HIS A 28 13.04 -7.31 14.46
C HIS A 28 11.69 -7.35 13.73
N CYS A 29 11.56 -8.26 12.80
CA CYS A 29 10.25 -8.58 12.19
C CYS A 29 9.45 -9.53 13.13
N HIS A 30 10.11 -10.52 13.70
CA HIS A 30 9.50 -11.38 14.70
C HIS A 30 9.12 -10.56 15.90
N ILE A 31 8.00 -10.94 16.59
CA ILE A 31 7.62 -10.24 17.80
C ILE A 31 7.32 -11.40 18.84
N PRO A 32 7.95 -11.35 19.97
CA PRO A 32 9.10 -10.54 20.34
C PRO A 32 10.34 -10.72 19.42
N SER A 33 11.26 -9.75 19.42
CA SER A 33 12.56 -9.87 18.64
C SER A 33 13.27 -11.22 18.85
N VAL A 34 13.81 -11.80 17.80
CA VAL A 34 14.28 -13.22 17.85
C VAL A 34 15.31 -13.33 18.95
N GLU A 35 15.16 -14.38 19.78
CA GLU A 35 15.88 -14.52 21.05
C GLU A 35 17.35 -14.95 20.75
N ALA A 36 18.31 -14.39 21.53
CA ALA A 36 19.79 -14.53 21.29
C ALA A 36 20.28 -15.98 21.22
N ASN A 37 19.89 -16.79 22.19
CA ASN A 37 20.26 -18.18 22.16
C ASN A 37 19.01 -19.07 21.95
N LYS A 38 18.80 -20.12 22.75
CA LYS A 38 17.68 -21.05 22.58
C LYS A 38 17.87 -21.88 21.30
N ASN A 39 18.45 -23.06 21.45
CA ASN A 39 18.44 -24.08 20.38
C ASN A 39 17.78 -25.30 21.02
N PRO A 40 16.69 -25.84 20.50
CA PRO A 40 15.95 -25.29 19.38
C PRO A 40 15.19 -23.98 19.70
N TRP A 41 14.82 -23.25 18.65
CA TRP A 41 13.96 -22.05 18.77
C TRP A 41 12.63 -22.27 18.09
N SER A 42 11.56 -21.87 18.77
CA SER A 42 10.24 -21.99 18.20
C SER A 42 9.67 -20.53 18.06
N CYS A 43 9.25 -20.20 16.85
CA CYS A 43 8.59 -18.93 16.49
C CYS A 43 7.22 -18.82 17.18
N ILE A 44 6.71 -17.58 17.13
CA ILE A 44 5.41 -17.22 17.67
C ILE A 44 4.25 -18.01 17.11
N PHE A 45 4.27 -18.38 15.81
CA PHE A 45 3.23 -19.21 15.28
C PHE A 45 3.15 -20.58 16.00
N CYS A 46 4.33 -21.14 16.24
CA CYS A 46 4.48 -22.46 16.88
C CYS A 46 4.01 -22.36 18.34
N ARG A 47 4.39 -21.27 19.00
CA ARG A 47 4.03 -21.07 20.41
C ARG A 47 2.56 -20.89 20.57
N ILE A 48 1.92 -20.20 19.65
CA ILE A 48 0.46 -20.04 19.70
C ILE A 48 -0.26 -21.40 19.42
N LYS A 49 0.26 -22.12 18.47
CA LYS A 49 -0.31 -23.46 18.17
C LYS A 49 -0.21 -24.37 19.42
N THR A 50 0.90 -24.31 20.13
CA THR A 50 1.04 -25.12 21.36
C THR A 50 -0.03 -24.83 22.42
N ILE A 51 -0.35 -23.56 22.62
CA ILE A 51 -1.41 -23.13 23.55
C ILE A 51 -2.71 -23.79 23.22
N GLN A 52 -3.12 -23.75 21.95
CA GLN A 52 -4.36 -24.39 21.52
C GLN A 52 -4.37 -25.91 21.72
N GLU A 53 -3.21 -26.52 21.48
CA GLU A 53 -3.04 -27.97 21.60
C GLU A 53 -3.10 -28.44 23.06
N ARG A 54 -2.49 -27.67 23.93
CA ARG A 54 -2.56 -27.95 25.37
C ARG A 54 -3.93 -27.74 25.92
N CYS A 55 -4.74 -26.82 25.36
CA CYS A 55 -6.09 -26.55 25.87
CA CYS A 55 -6.07 -26.49 25.92
C CYS A 55 -7.07 -26.34 24.75
N PRO A 56 -7.53 -27.48 24.14
CA PRO A 56 -8.39 -27.38 22.96
C PRO A 56 -9.66 -26.54 23.18
N GLU A 57 -10.12 -26.51 24.43
CA GLU A 57 -11.33 -25.78 24.80
C GLU A 57 -11.16 -24.25 24.74
N SER A 58 -9.88 -23.81 24.69
CA SER A 58 -9.51 -22.39 24.53
C SER A 58 -10.04 -21.86 23.17
N GLN A 59 -10.39 -22.74 22.22
CA GLN A 59 -11.01 -22.34 21.00
C GLN A 59 -12.52 -22.24 20.99
N SER A 60 -13.18 -22.61 22.08
CA SER A 60 -14.65 -22.36 22.15
C SER A 60 -14.88 -20.85 22.17
N GLY A 61 -16.07 -20.43 21.72
CA GLY A 61 -16.33 -18.98 21.60
C GLY A 61 -16.33 -18.21 22.90
N HIS A 62 -15.83 -16.96 22.82
CA HIS A 62 -15.77 -16.04 23.91
C HIS A 62 -16.46 -14.76 23.57
N GLN A 63 -16.85 -14.02 24.61
CA GLN A 63 -17.42 -12.69 24.44
C GLN A 63 -16.25 -11.67 24.44
N GLU A 64 -16.29 -10.73 23.51
CA GLU A 64 -15.24 -9.70 23.44
C GLU A 64 -15.07 -8.97 24.75
N SER A 65 -16.20 -8.68 25.45
CA SER A 65 -16.11 -7.92 26.72
C SER A 65 -15.30 -8.68 27.78
N GLU A 66 -15.42 -10.03 27.86
CA GLU A 66 -14.64 -10.81 28.75
C GLU A 66 -13.15 -10.86 28.33
N VAL A 67 -12.90 -11.03 27.02
CA VAL A 67 -11.49 -11.00 26.52
C VAL A 67 -10.80 -9.71 26.92
N LEU A 68 -11.45 -8.58 26.69
CA LEU A 68 -10.80 -7.27 26.92
C LEU A 68 -10.39 -7.05 28.36
N MET A 69 -11.20 -7.56 29.31
CA MET A 69 -10.87 -7.45 30.75
C MET A 69 -9.80 -8.41 31.28
N ARG A 70 -9.32 -9.34 30.45
CA ARG A 70 -8.25 -10.20 30.90
C ARG A 70 -7.00 -9.45 31.24
N GLN A 71 -6.37 -9.84 32.35
CA GLN A 71 -5.05 -9.39 32.64
C GLN A 71 -4.00 -9.92 31.67
N MET A 72 -2.99 -9.08 31.41
CA MET A 72 -1.92 -9.48 30.53
C MET A 72 -0.87 -10.48 31.15
N LEU A 73 -1.35 -11.68 31.55
CA LEU A 73 -0.50 -12.77 31.94
C LEU A 73 0.26 -13.25 30.68
N PRO A 74 1.31 -14.08 30.83
CA PRO A 74 2.08 -14.59 29.70
C PRO A 74 1.33 -15.06 28.46
N GLU A 75 0.22 -15.79 28.61
CA GLU A 75 -0.57 -16.28 27.47
CA GLU A 75 -0.46 -16.26 27.40
C GLU A 75 -1.21 -15.14 26.67
N GLU A 76 -1.76 -14.18 27.41
CA GLU A 76 -2.42 -13.05 26.77
CA GLU A 76 -2.42 -13.03 26.78
C GLU A 76 -1.40 -12.09 26.14
N GLN A 77 -0.29 -11.89 26.79
CA GLN A 77 0.83 -11.12 26.26
C GLN A 77 1.20 -11.73 24.93
N LEU A 78 1.45 -13.06 24.90
CA LEU A 78 1.80 -13.72 23.63
C LEU A 78 0.77 -13.54 22.54
N LYS A 79 -0.52 -13.70 22.88
CA LYS A 79 -1.58 -13.50 21.91
CA LYS A 79 -1.56 -13.51 21.90
C LYS A 79 -1.57 -12.09 21.33
N CYS A 80 -1.36 -11.09 22.19
CA CYS A 80 -1.34 -9.69 21.66
C CYS A 80 -0.13 -9.48 20.75
N GLU A 81 1.02 -10.02 21.14
CA GLU A 81 2.18 -10.02 20.24
C GLU A 81 1.93 -10.62 18.90
N PHE A 82 1.19 -11.74 18.84
CA PHE A 82 0.94 -12.43 17.61
C PHE A 82 -0.05 -11.64 16.77
N LEU A 83 -1.05 -11.07 17.41
CA LEU A 83 -2.02 -10.22 16.71
C LEU A 83 -1.33 -8.98 16.09
N LEU A 84 -0.43 -8.33 16.86
CA LEU A 84 0.40 -7.22 16.32
C LEU A 84 1.20 -7.68 15.10
N LEU A 85 1.87 -8.84 15.23
CA LEU A 85 2.60 -9.42 14.13
C LEU A 85 1.79 -9.68 12.88
N LYS A 86 0.56 -10.16 13.05
CA LYS A 86 -0.36 -10.35 11.95
C LYS A 86 -0.69 -9.05 11.20
N VAL A 87 -0.80 -7.94 11.90
CA VAL A 87 -0.98 -6.65 11.22
C VAL A 87 0.26 -6.26 10.43
N TYR A 88 1.47 -6.38 11.02
CA TYR A 88 2.70 -6.10 10.28
C TYR A 88 2.87 -7.00 9.08
N CYS A 89 2.29 -8.18 9.07
CA CYS A 89 2.38 -9.10 7.92
C CYS A 89 1.74 -8.48 6.67
N ASP A 90 0.81 -7.58 6.86
CA ASP A 90 0.16 -6.94 5.68
C ASP A 90 1.00 -5.78 5.20
N SER A 91 1.30 -5.74 3.88
CA SER A 91 2.15 -4.64 3.42
C SER A 91 1.61 -3.22 3.66
N LYS A 92 0.30 -3.05 3.81
CA LYS A 92 -0.35 -1.80 4.04
C LYS A 92 -0.09 -1.28 5.46
N SER A 93 0.48 -2.15 6.32
CA SER A 93 0.90 -1.67 7.61
C SER A 93 2.00 -0.61 7.61
N CYS A 94 2.78 -0.49 6.51
CA CYS A 94 3.76 0.61 6.38
C CYS A 94 3.24 1.98 6.68
N PHE A 95 1.97 2.22 6.31
CA PHE A 95 1.36 3.50 6.53
C PHE A 95 1.14 3.90 7.97
N PHE A 96 1.09 2.87 8.81
CA PHE A 96 0.75 3.00 10.22
C PHE A 96 1.92 2.64 11.17
N ALA A 97 3.09 2.30 10.65
CA ALA A 97 4.20 1.80 11.47
C ALA A 97 4.91 2.86 12.26
N SER A 98 5.21 4.00 11.63
CA SER A 98 6.02 4.99 12.30
C SER A 98 5.23 6.22 12.66
N GLU A 99 5.87 7.15 13.37
CA GLU A 99 5.14 8.27 13.96
C GLU A 99 4.63 9.21 12.88
N PRO A 100 3.32 9.44 12.83
CA PRO A 100 2.72 10.25 11.81
C PRO A 100 2.87 11.75 12.09
N TYR A 101 2.60 12.59 11.08
CA TYR A 101 2.41 14.01 11.29
C TYR A 101 1.25 14.53 10.44
N TYR A 102 0.67 15.63 10.88
CA TYR A 102 -0.62 16.05 10.43
C TYR A 102 -0.62 17.57 10.02
N ASN A 103 -0.61 17.77 8.71
CA ASN A 103 -0.69 19.13 8.18
C ASN A 103 -1.38 19.12 6.83
N ARG A 104 -2.70 19.20 6.91
CA ARG A 104 -3.61 19.05 5.77
CA ARG A 104 -3.61 19.03 5.78
C ARG A 104 -4.64 20.14 5.87
N GLU A 105 -4.86 20.84 4.77
CA GLU A 105 -5.85 21.92 4.77
C GLU A 105 -7.22 21.32 5.10
N GLY A 106 -7.94 21.94 6.02
CA GLY A 106 -9.26 21.46 6.41
C GLY A 106 -9.32 20.39 7.48
N SER A 107 -8.17 19.95 8.01
CA SER A 107 -8.14 18.91 9.03
C SER A 107 -7.24 19.32 10.16
N GLN A 108 -7.56 18.82 11.34
CA GLN A 108 -6.74 19.00 12.47
C GLN A 108 -6.22 17.61 12.90
N GLY A 109 -4.99 17.55 13.37
CA GLY A 109 -4.46 16.27 13.84
C GLY A 109 -5.21 15.70 15.07
N PRO A 110 -5.06 14.38 15.34
CA PRO A 110 -5.71 13.76 16.49
C PRO A 110 -5.10 14.26 17.79
N GLN A 111 -5.93 14.21 18.84
CA GLN A 111 -5.50 14.51 20.19
C GLN A 111 -4.48 13.53 20.71
N LYS A 112 -4.58 12.26 20.28
CA LYS A 112 -3.69 11.20 20.77
C LYS A 112 -3.19 10.36 19.65
N PRO A 113 -2.08 10.80 19.03
CA PRO A 113 -1.55 10.03 17.93
C PRO A 113 -1.09 8.66 18.40
N MET A 114 -1.06 7.69 17.49
CA MET A 114 -0.76 6.32 17.78
C MET A 114 -0.24 5.66 16.51
N TRP A 115 0.67 4.74 16.65
CA TRP A 115 1.24 4.03 15.60
C TRP A 115 1.80 2.70 16.02
N LEU A 116 2.05 1.82 15.04
CA LEU A 116 2.33 0.37 15.35
C LEU A 116 3.62 0.22 16.15
N ASN A 117 4.64 0.99 15.81
CA ASN A 117 5.94 0.87 16.52
C ASN A 117 5.82 1.32 17.95
N LYS A 118 4.94 2.25 18.25
CA LYS A 118 4.69 2.67 19.60
C LYS A 118 3.98 1.56 20.39
N VAL A 119 3.02 0.91 19.77
CA VAL A 119 2.33 -0.27 20.41
C VAL A 119 3.33 -1.40 20.61
N LYS A 120 4.23 -1.59 19.66
CA LYS A 120 5.27 -2.60 19.78
C LYS A 120 6.18 -2.35 21.00
N THR A 121 6.58 -1.11 21.15
CA THR A 121 7.40 -0.70 22.31
C THR A 121 6.64 -0.87 23.61
N SER A 122 5.38 -0.49 23.59
CA SER A 122 4.56 -0.60 24.79
C SER A 122 4.40 -2.06 25.22
N LEU A 123 4.20 -2.98 24.28
CA LEU A 123 4.16 -4.41 24.61
C LEU A 123 5.44 -4.95 25.11
N ASN A 124 6.50 -4.52 24.50
CA ASN A 124 7.87 -4.97 24.92
C ASN A 124 8.19 -4.50 26.33
N GLU A 125 7.74 -3.31 26.70
CA GLU A 125 8.04 -2.70 27.99
C GLU A 125 6.95 -3.11 29.04
N GLN A 126 6.06 -4.02 28.70
CA GLN A 126 4.96 -4.46 29.59
C GLN A 126 4.18 -3.31 30.15
N MET A 127 3.73 -2.39 29.31
CA MET A 127 2.96 -1.24 29.74
CA MET A 127 2.98 -1.22 29.75
C MET A 127 1.48 -1.50 29.75
N TYR A 128 1.04 -2.59 29.14
CA TYR A 128 -0.41 -2.87 29.14
C TYR A 128 -0.69 -3.91 30.26
N THR A 129 -1.65 -3.61 31.13
CA THR A 129 -2.01 -4.53 32.20
C THR A 129 -3.18 -5.42 31.84
N ARG A 130 -4.03 -4.99 30.87
CA ARG A 130 -5.12 -5.79 30.37
CA ARG A 130 -5.13 -5.76 30.38
C ARG A 130 -5.16 -5.79 28.84
N VAL A 131 -5.78 -6.80 28.29
CA VAL A 131 -5.91 -6.89 26.83
C VAL A 131 -6.57 -5.60 26.25
N GLU A 132 -7.55 -5.05 26.98
CA GLU A 132 -8.24 -3.82 26.62
C GLU A 132 -7.25 -2.65 26.23
N GLY A 133 -6.15 -2.51 26.97
CA GLY A 133 -5.11 -1.48 26.71
C GLY A 133 -4.52 -1.56 25.33
N PHE A 134 -4.16 -2.78 24.96
CA PHE A 134 -3.55 -3.06 23.69
C PHE A 134 -4.60 -2.82 22.56
N VAL A 135 -5.79 -3.40 22.71
CA VAL A 135 -6.84 -3.30 21.70
C VAL A 135 -7.25 -1.85 21.51
N GLN A 136 -7.40 -1.10 22.59
CA GLN A 136 -7.76 0.32 22.47
C GLN A 136 -6.74 1.10 21.61
N ASP A 137 -5.48 0.96 21.91
CA ASP A 137 -4.41 1.62 21.12
C ASP A 137 -4.44 1.18 19.71
N MET A 138 -4.59 -0.14 19.42
CA MET A 138 -4.71 -0.59 18.04
C MET A 138 -5.86 0.07 17.30
N ARG A 139 -7.03 0.08 17.94
CA ARG A 139 -8.21 0.62 17.22
C ARG A 139 -8.10 2.17 17.06
N LEU A 140 -7.31 2.80 17.91
CA LEU A 140 -7.12 4.25 17.89
C LEU A 140 -6.28 4.64 16.66
N ILE A 141 -5.32 3.79 16.32
CA ILE A 141 -4.58 3.97 15.03
C ILE A 141 -5.54 4.24 13.89
N PHE A 142 -6.46 3.32 13.70
CA PHE A 142 -7.33 3.40 12.55
C PHE A 142 -8.36 4.48 12.64
N HIS A 143 -8.89 4.71 13.83
CA HIS A 143 -9.88 5.76 14.09
C HIS A 143 -9.28 7.19 13.81
N ASN A 144 -8.05 7.39 14.21
CA ASN A 144 -7.37 8.71 14.00
C ASN A 144 -7.21 8.91 12.49
N HIS A 145 -6.87 7.85 11.77
CA HIS A 145 -6.66 7.92 10.33
C HIS A 145 -7.97 8.26 9.63
N LYS A 146 -9.05 7.60 9.99
CA LYS A 146 -10.40 7.89 9.41
CA LYS A 146 -10.34 7.89 9.36
C LYS A 146 -10.82 9.31 9.64
N GLU A 147 -10.68 9.73 10.86
CA GLU A 147 -11.06 11.11 11.16
C GLU A 147 -10.21 12.15 10.43
N PHE A 148 -8.93 11.91 10.28
CA PHE A 148 -8.04 12.95 9.70
C PHE A 148 -8.26 13.07 8.19
N TYR A 149 -8.37 11.93 7.52
CA TYR A 149 -8.42 11.93 6.08
C TYR A 149 -9.81 12.10 5.54
N ARG A 150 -10.83 12.11 6.38
CA ARG A 150 -12.20 12.62 5.98
C ARG A 150 -12.64 11.96 4.67
N GLU A 151 -12.82 12.74 3.61
CA GLU A 151 -13.40 12.16 2.43
C GLU A 151 -12.32 11.80 1.44
N ASP A 152 -11.03 12.02 1.72
CA ASP A 152 -10.02 11.56 0.79
C ASP A 152 -10.12 10.06 0.73
N LYS A 153 -9.86 9.52 -0.44
CA LYS A 153 -9.95 8.09 -0.66
C LYS A 153 -8.88 7.32 0.13
N PHE A 154 -7.87 8.06 0.60
CA PHE A 154 -6.81 7.47 1.44
C PHE A 154 -7.39 6.93 2.75
N THR A 155 -8.53 7.42 3.16
CA THR A 155 -9.26 6.86 4.32
CA THR A 155 -9.22 6.82 4.33
C THR A 155 -9.39 5.32 4.23
N ARG A 156 -9.54 4.77 3.02
CA ARG A 156 -9.73 3.37 2.84
C ARG A 156 -8.58 2.48 3.35
N LEU A 157 -7.38 3.04 3.38
CA LEU A 157 -6.27 2.25 3.90
C LEU A 157 -6.54 1.89 5.39
N GLY A 158 -7.06 2.81 6.16
CA GLY A 158 -7.41 2.51 7.54
C GLY A 158 -8.46 1.46 7.67
N ILE A 159 -9.48 1.52 6.82
CA ILE A 159 -10.52 0.51 6.81
C ILE A 159 -9.94 -0.88 6.46
N GLN A 160 -9.02 -0.94 5.51
CA GLN A 160 -8.46 -2.15 5.11
C GLN A 160 -7.58 -2.79 6.17
N VAL A 161 -6.71 -1.99 6.78
CA VAL A 161 -5.80 -2.54 7.79
C VAL A 161 -6.58 -2.83 9.11
N GLN A 162 -7.59 -2.05 9.40
CA GLN A 162 -8.48 -2.38 10.53
C GLN A 162 -9.16 -3.74 10.33
N ASP A 163 -9.61 -4.03 9.14
CA ASP A 163 -10.25 -5.32 8.88
CA ASP A 163 -10.26 -5.31 8.90
C ASP A 163 -9.32 -6.50 9.14
N ILE A 164 -8.02 -6.34 8.80
CA ILE A 164 -7.01 -7.34 9.08
C ILE A 164 -6.85 -7.50 10.55
N PHE A 165 -6.76 -6.38 11.25
CA PHE A 165 -6.70 -6.42 12.71
C PHE A 165 -7.91 -7.21 13.32
N GLU A 166 -9.11 -6.84 12.95
CA GLU A 166 -10.32 -7.35 13.55
C GLU A 166 -10.54 -8.87 13.30
N LYS A 167 -10.32 -9.28 12.08
CA LYS A 167 -10.35 -10.69 11.70
C LYS A 167 -9.41 -11.51 12.49
N ASN A 168 -8.15 -11.02 12.65
CA ASN A 168 -7.17 -11.72 13.41
C ASN A 168 -7.49 -11.74 14.94
N PHE A 169 -8.01 -10.61 15.46
CA PHE A 169 -8.46 -10.54 16.85
C PHE A 169 -9.50 -11.63 17.09
N ARG A 170 -10.54 -11.70 16.23
CA ARG A 170 -11.59 -12.69 16.38
C ARG A 170 -11.03 -14.14 16.33
N ASN A 171 -10.05 -14.40 15.46
CA ASN A 171 -9.40 -15.73 15.37
C ASN A 171 -8.54 -16.08 16.57
N ILE A 172 -7.64 -15.18 16.95
CA ILE A 172 -6.63 -15.51 17.95
C ILE A 172 -7.27 -15.64 19.33
N PHE A 173 -8.24 -14.78 19.60
CA PHE A 173 -8.89 -14.81 20.92
C PHE A 173 -10.19 -15.61 20.88
N ALA A 174 -10.49 -16.27 19.77
CA ALA A 174 -11.64 -17.21 19.67
C ALA A 174 -12.97 -16.52 20.11
N ILE A 175 -13.25 -15.41 19.45
CA ILE A 175 -14.39 -14.64 19.74
C ILE A 175 -15.56 -15.43 19.13
N GLN A 176 -16.66 -15.50 19.86
CA GLN A 176 -17.88 -16.28 19.41
C GLN A 176 -18.34 -15.76 18.09
N GLU A 177 -18.50 -16.63 17.12
CA GLU A 177 -19.01 -16.22 15.82
C GLU A 177 -20.44 -15.72 15.90
N THR A 178 -20.73 -14.60 15.21
CA THR A 178 -22.13 -14.09 15.07
C THR A 178 -22.56 -13.78 13.64
N SER A 179 -23.88 -13.65 13.43
CA SER A 179 -24.47 -12.91 12.27
C SER A 179 -24.58 -11.45 12.61
N GLU B 1 -13.02 29.87 -23.50
CA GLU B 1 -11.91 29.69 -22.52
C GLU B 1 -11.47 28.20 -22.25
N ASN B 2 -12.22 27.17 -22.69
CA ASN B 2 -11.70 25.78 -22.66
C ASN B 2 -11.62 25.08 -24.02
N SER B 3 -10.63 24.20 -24.20
CA SER B 3 -10.51 23.35 -25.39
C SER B 3 -11.80 22.63 -25.74
N ASN B 4 -12.06 22.44 -27.04
CA ASN B 4 -13.16 21.54 -27.50
C ASN B 4 -12.71 20.13 -27.80
N ILE B 5 -11.49 19.74 -27.36
CA ILE B 5 -11.10 18.34 -27.50
C ILE B 5 -10.44 17.87 -26.17
N CYS B 6 -10.59 16.59 -25.90
CA CYS B 6 -9.91 15.98 -24.72
C CYS B 6 -8.44 16.09 -24.77
N GLU B 7 -7.85 16.50 -23.67
CA GLU B 7 -6.39 16.69 -23.58
C GLU B 7 -5.65 15.38 -23.81
N VAL B 8 -6.23 14.27 -23.44
CA VAL B 8 -5.54 12.97 -23.46
C VAL B 8 -5.63 12.30 -24.83
N CYS B 9 -6.87 12.15 -25.35
CA CYS B 9 -7.05 11.37 -26.58
C CYS B 9 -7.32 12.25 -27.81
N ASN B 10 -7.42 13.56 -27.64
CA ASN B 10 -7.65 14.52 -28.73
C ASN B 10 -8.95 14.35 -29.48
N LYS B 11 -9.93 13.66 -28.92
CA LYS B 11 -11.26 13.55 -29.54
C LYS B 11 -12.30 14.49 -28.87
N TRP B 12 -13.39 14.74 -29.59
CA TRP B 12 -14.41 15.71 -29.19
C TRP B 12 -15.41 14.93 -28.38
N GLY B 13 -16.39 15.66 -27.81
CA GLY B 13 -17.55 15.02 -27.27
C GLY B 13 -17.50 14.61 -25.81
N ARG B 14 -18.58 14.87 -25.10
CA ARG B 14 -18.77 14.36 -23.72
C ARG B 14 -17.65 14.89 -22.80
N LEU B 15 -17.30 16.14 -22.96
CA LEU B 15 -16.20 16.74 -22.27
C LEU B 15 -16.52 17.45 -20.95
N PHE B 16 -15.58 17.36 -20.00
CA PHE B 16 -15.60 18.10 -18.74
C PHE B 16 -14.50 19.09 -18.81
N CYS B 17 -14.81 20.35 -18.51
CA CYS B 17 -13.83 21.41 -18.57
CA CYS B 17 -13.86 21.44 -18.56
C CYS B 17 -13.24 21.66 -17.19
N CYS B 18 -11.95 21.95 -17.15
CA CYS B 18 -11.31 22.33 -15.93
C CYS B 18 -11.72 23.82 -15.61
N ASP B 19 -11.96 24.14 -14.34
CA ASP B 19 -12.29 25.52 -13.96
C ASP B 19 -11.09 26.41 -13.76
N THR B 20 -9.87 25.87 -13.78
CA THR B 20 -8.69 26.70 -13.50
C THR B 20 -7.68 26.75 -14.58
N CYS B 21 -7.90 26.00 -15.67
CA CYS B 21 -7.08 26.08 -16.87
C CYS B 21 -7.95 25.76 -18.11
N PRO B 22 -7.40 25.94 -19.33
CA PRO B 22 -8.26 25.74 -20.50
C PRO B 22 -8.48 24.26 -20.96
N ARG B 23 -7.92 23.28 -20.24
CA ARG B 23 -8.01 21.87 -20.65
C ARG B 23 -9.40 21.30 -20.46
N SER B 24 -9.73 20.30 -21.26
CA SER B 24 -10.97 19.59 -21.17
C SER B 24 -10.64 18.09 -21.22
N PHE B 25 -11.52 17.24 -20.68
CA PHE B 25 -11.31 15.78 -20.56
C PHE B 25 -12.52 14.99 -20.69
N HIS B 26 -12.41 13.79 -21.30
CA HIS B 26 -13.35 12.75 -21.06
C HIS B 26 -13.33 12.24 -19.61
N GLU B 27 -14.49 11.78 -19.17
CA GLU B 27 -14.61 11.28 -17.77
C GLU B 27 -13.48 10.30 -17.38
N HIS B 28 -13.27 9.28 -18.19
CA HIS B 28 -12.29 8.25 -17.93
C HIS B 28 -10.97 8.38 -18.68
N CYS B 29 -10.77 9.52 -19.34
CA CYS B 29 -9.46 9.86 -19.88
C CYS B 29 -8.66 10.55 -18.79
N HIS B 30 -9.35 11.34 -17.97
CA HIS B 30 -8.68 11.95 -16.86
C HIS B 30 -8.36 10.83 -15.85
N ILE B 31 -7.29 11.02 -15.08
CA ILE B 31 -6.89 10.08 -14.00
C ILE B 31 -6.63 10.96 -12.77
N PRO B 32 -7.27 10.62 -11.63
CA PRO B 32 -8.43 9.73 -11.52
C PRO B 32 -9.66 10.23 -12.32
N SER B 33 -10.62 9.36 -12.53
CA SER B 33 -11.83 9.72 -13.28
C SER B 33 -12.45 11.02 -12.76
N VAL B 34 -13.00 11.79 -13.68
CA VAL B 34 -13.54 13.11 -13.30
C VAL B 34 -14.64 12.91 -12.23
N GLU B 35 -14.62 13.75 -11.18
CA GLU B 35 -15.74 13.85 -10.17
C GLU B 35 -16.80 14.73 -10.84
N ALA B 36 -17.75 14.06 -11.44
CA ALA B 36 -18.83 14.68 -12.22
C ALA B 36 -19.75 15.59 -11.37
N ASN B 37 -19.94 15.18 -10.12
CA ASN B 37 -20.62 15.95 -9.07
C ASN B 37 -19.98 17.30 -8.63
N LYS B 38 -18.68 17.54 -8.91
CA LYS B 38 -17.92 18.67 -8.30
C LYS B 38 -17.95 19.93 -9.13
N ASN B 39 -17.97 21.09 -8.47
CA ASN B 39 -18.08 22.37 -9.16
C ASN B 39 -17.77 23.54 -8.20
N PRO B 40 -16.57 24.11 -8.23
CA PRO B 40 -15.62 23.93 -9.30
C PRO B 40 -14.79 22.64 -9.18
N TRP B 41 -14.35 22.17 -10.35
CA TRP B 41 -13.49 21.01 -10.48
C TRP B 41 -12.20 21.49 -11.13
N SER B 42 -11.06 21.15 -10.55
CA SER B 42 -9.74 21.41 -11.14
C SER B 42 -9.15 20.06 -11.57
N CYS B 43 -8.46 20.07 -12.72
CA CYS B 43 -7.84 18.90 -13.27
C CYS B 43 -6.52 18.57 -12.57
N ILE B 44 -5.93 17.44 -12.96
CA ILE B 44 -4.70 16.95 -12.40
C ILE B 44 -3.49 17.85 -12.73
N PHE B 45 -3.44 18.48 -13.91
CA PHE B 45 -2.34 19.39 -14.20
C PHE B 45 -2.35 20.57 -13.19
N CYS B 46 -3.52 21.11 -12.95
CA CYS B 46 -3.73 22.21 -12.00
C CYS B 46 -3.36 21.80 -10.57
N ARG B 47 -3.81 20.62 -10.18
CA ARG B 47 -3.50 20.11 -8.81
C ARG B 47 -2.06 19.83 -8.57
N ILE B 48 -1.37 19.25 -9.54
CA ILE B 48 0.06 19.04 -9.49
C ILE B 48 0.83 20.38 -9.42
N LYS B 49 0.43 21.34 -10.21
CA LYS B 49 1.09 22.66 -10.21
C LYS B 49 0.92 23.35 -8.83
N THR B 50 -0.29 23.29 -8.27
CA THR B 50 -0.52 23.75 -6.90
C THR B 50 0.48 23.18 -5.89
N ILE B 51 0.72 21.89 -5.94
CA ILE B 51 1.73 21.22 -5.13
C ILE B 51 3.16 21.67 -5.43
N GLN B 52 3.48 21.78 -6.69
CA GLN B 52 4.83 22.20 -7.08
C GLN B 52 5.15 23.61 -6.59
N GLU B 53 4.15 24.48 -6.55
CA GLU B 53 4.32 25.91 -6.26
C GLU B 53 4.28 26.26 -4.78
N ARG B 54 3.98 25.28 -3.91
CA ARG B 54 3.74 25.55 -2.49
C ARG B 54 5.01 26.11 -1.82
N CYS B 55 6.09 25.36 -1.97
CA CYS B 55 7.42 25.78 -1.45
C CYS B 55 8.48 25.14 -2.33
N PRO B 56 8.83 25.83 -3.45
CA PRO B 56 9.79 25.24 -4.37
C PRO B 56 11.15 24.96 -3.70
N GLU B 57 11.36 23.70 -3.29
CA GLU B 57 12.68 23.09 -3.30
C GLU B 57 12.74 22.65 -4.75
N SER B 58 13.57 23.33 -5.57
CA SER B 58 13.57 23.24 -7.04
C SER B 58 13.72 21.81 -7.59
N GLN B 59 13.90 21.62 -8.90
CA GLN B 59 14.28 20.28 -9.42
C GLN B 59 15.69 19.93 -8.92
N SER B 60 15.89 20.15 -7.60
CA SER B 60 17.19 20.29 -6.94
C SER B 60 17.86 18.93 -6.78
N GLY B 61 17.14 17.87 -7.12
CA GLY B 61 17.72 16.57 -7.39
C GLY B 61 17.30 15.64 -6.28
N HIS B 62 16.63 14.55 -6.65
CA HIS B 62 16.47 13.38 -5.80
C HIS B 62 17.06 12.19 -6.52
N GLN B 63 17.42 11.15 -5.78
CA GLN B 63 17.90 9.95 -6.39
C GLN B 63 16.73 9.04 -6.65
N GLU B 64 16.80 8.18 -7.68
CA GLU B 64 15.69 7.33 -8.04
C GLU B 64 15.45 6.31 -6.93
N SER B 65 16.50 5.77 -6.32
CA SER B 65 16.31 4.75 -5.25
CA SER B 65 16.32 4.76 -5.24
C SER B 65 15.49 5.28 -4.10
N GLU B 66 15.62 6.58 -3.81
CA GLU B 66 14.89 7.19 -2.73
C GLU B 66 13.42 7.36 -3.11
N VAL B 67 13.23 7.88 -4.31
CA VAL B 67 11.87 8.11 -4.81
C VAL B 67 11.06 6.83 -4.83
N LEU B 68 11.66 5.74 -5.27
CA LEU B 68 10.95 4.49 -5.36
C LEU B 68 10.49 3.96 -3.97
N MET B 69 11.24 4.31 -2.94
CA MET B 69 10.87 3.89 -1.56
C MET B 69 9.77 4.77 -0.90
N ARG B 70 9.36 5.88 -1.52
CA ARG B 70 8.33 6.70 -0.96
C ARG B 70 7.00 5.94 -0.86
N GLN B 71 6.34 6.06 0.29
CA GLN B 71 5.02 5.48 0.45
C GLN B 71 3.99 6.24 -0.36
N MET B 72 2.93 5.50 -0.76
CA MET B 72 1.82 6.10 -1.54
C MET B 72 0.83 6.90 -0.73
N LEU B 73 1.37 7.93 -0.07
CA LEU B 73 0.60 8.97 0.53
C LEU B 73 -0.18 9.77 -0.58
N PRO B 74 -1.19 10.54 -0.19
CA PRO B 74 -2.04 11.19 -1.19
C PRO B 74 -1.28 11.97 -2.28
N GLU B 75 -0.22 12.74 -1.94
CA GLU B 75 0.50 13.49 -3.01
C GLU B 75 1.26 12.55 -3.93
N GLU B 76 1.84 11.48 -3.40
CA GLU B 76 2.59 10.57 -4.23
C GLU B 76 1.62 9.76 -5.14
N GLN B 77 0.47 9.39 -4.62
CA GLN B 77 -0.58 8.66 -5.38
C GLN B 77 -0.99 9.58 -6.57
N LEU B 78 -1.20 10.88 -6.28
CA LEU B 78 -1.52 11.84 -7.35
C LEU B 78 -0.40 11.95 -8.40
N LYS B 79 0.86 12.02 -7.97
CA LYS B 79 1.96 12.10 -8.93
C LYS B 79 2.05 10.90 -9.80
N CYS B 80 1.77 9.70 -9.28
CA CYS B 80 1.75 8.54 -10.11
C CYS B 80 0.56 8.51 -11.06
N GLU B 81 -0.62 8.99 -10.60
CA GLU B 81 -1.78 9.16 -11.48
C GLU B 81 -1.43 10.11 -12.69
N PHE B 82 -0.74 11.19 -12.39
CA PHE B 82 -0.35 12.17 -13.42
C PHE B 82 0.63 11.55 -14.37
N LEU B 83 1.63 10.83 -13.84
CA LEU B 83 2.52 10.12 -14.67
C LEU B 83 1.88 9.13 -15.63
N LEU B 84 0.93 8.37 -15.11
CA LEU B 84 0.27 7.36 -15.95
C LEU B 84 -0.52 8.15 -17.05
N LEU B 85 -1.16 9.24 -16.62
CA LEU B 85 -1.96 10.09 -17.62
C LEU B 85 -1.03 10.66 -18.72
N LYS B 86 0.22 11.02 -18.40
CA LYS B 86 1.20 11.51 -19.46
C LYS B 86 1.49 10.43 -20.45
N VAL B 87 1.59 9.17 -20.05
CA VAL B 87 1.77 8.09 -20.98
C VAL B 87 0.56 7.94 -21.90
N TYR B 88 -0.64 7.91 -21.32
CA TYR B 88 -1.88 7.83 -22.15
C TYR B 88 -1.99 9.00 -23.16
N CYS B 89 -1.47 10.17 -22.81
CA CYS B 89 -1.47 11.34 -23.75
C CYS B 89 -0.75 11.07 -25.05
N ASP B 90 0.20 10.15 -25.06
CA ASP B 90 0.86 9.77 -26.32
C ASP B 90 0.02 8.88 -27.17
N SER B 91 -0.11 9.12 -28.50
CA SER B 91 -1.05 8.30 -29.23
C SER B 91 -0.54 6.83 -29.33
N LYS B 92 0.76 6.59 -29.19
CA LYS B 92 1.30 5.24 -29.28
C LYS B 92 0.96 4.42 -28.03
N SER B 93 0.49 5.09 -27.00
CA SER B 93 -0.05 4.33 -25.83
C SER B 93 -1.12 3.29 -26.19
N CYS B 94 -1.78 3.43 -27.35
CA CYS B 94 -2.84 2.52 -27.73
C CYS B 94 -2.37 1.07 -27.78
N PHE B 95 -1.07 0.85 -28.14
CA PHE B 95 -0.53 -0.43 -28.27
C PHE B 95 -0.41 -1.16 -26.93
N PHE B 96 -0.37 -0.37 -25.87
CA PHE B 96 -0.03 -0.86 -24.54
C PHE B 96 -1.22 -0.79 -23.57
N ALA B 97 -2.38 -0.33 -24.02
CA ALA B 97 -3.54 -0.06 -23.12
C ALA B 97 -4.25 -1.28 -22.65
N SER B 98 -4.57 -2.22 -23.55
CA SER B 98 -5.37 -3.39 -23.30
C SER B 98 -4.50 -4.65 -23.16
N GLU B 99 -5.13 -5.74 -22.74
CA GLU B 99 -4.44 -6.99 -22.48
C GLU B 99 -3.86 -7.50 -23.81
N PRO B 100 -2.55 -7.72 -23.84
CA PRO B 100 -2.01 -8.14 -25.11
C PRO B 100 -2.36 -9.59 -25.42
N TYR B 101 -2.45 -9.83 -26.73
CA TYR B 101 -2.50 -11.18 -27.26
C TYR B 101 -1.07 -11.63 -27.60
N TYR B 102 -0.68 -12.81 -27.15
CA TYR B 102 0.65 -13.32 -27.48
C TYR B 102 0.56 -14.63 -28.33
N ASN B 103 0.66 -15.77 -27.63
CA ASN B 103 0.65 -17.13 -28.18
C ASN B 103 -0.58 -17.80 -27.53
N ARG B 104 -1.78 -17.62 -28.07
CA ARG B 104 -2.99 -18.18 -27.41
C ARG B 104 -2.96 -19.71 -27.47
N GLU B 105 -3.23 -20.41 -26.38
CA GLU B 105 -3.27 -19.89 -25.00
C GLU B 105 -2.32 -20.76 -24.18
N GLY B 106 -2.79 -21.89 -23.64
CA GLY B 106 -2.00 -22.69 -22.71
C GLY B 106 -1.35 -21.80 -21.65
N SER B 107 -0.13 -22.16 -21.26
CA SER B 107 0.71 -21.35 -20.36
C SER B 107 1.81 -20.54 -21.09
N GLN B 108 1.74 -20.41 -22.43
CA GLN B 108 2.81 -19.75 -23.23
C GLN B 108 2.84 -18.17 -23.20
N GLY B 109 2.12 -17.56 -22.24
CA GLY B 109 2.30 -16.14 -21.92
C GLY B 109 3.56 -15.88 -21.07
N PRO B 110 3.89 -14.59 -20.89
CA PRO B 110 5.06 -14.24 -20.10
C PRO B 110 4.78 -14.49 -18.62
N GLN B 111 5.84 -14.27 -17.84
CA GLN B 111 5.83 -14.52 -16.42
C GLN B 111 4.79 -13.64 -15.73
N LYS B 112 4.78 -12.36 -16.05
CA LYS B 112 3.70 -11.50 -15.57
C LYS B 112 3.22 -10.53 -16.69
N PRO B 113 2.05 -10.79 -17.25
CA PRO B 113 1.55 -9.90 -18.27
C PRO B 113 1.09 -8.58 -17.62
N MET B 114 1.26 -7.49 -18.35
CA MET B 114 0.96 -6.14 -17.83
C MET B 114 0.51 -5.23 -19.00
N TRP B 115 -0.41 -4.33 -18.69
CA TRP B 115 -0.88 -3.33 -19.60
C TRP B 115 -1.40 -2.08 -18.86
N LEU B 116 -1.54 -0.98 -19.58
CA LEU B 116 -1.83 0.27 -18.95
C LEU B 116 -3.19 0.26 -18.20
N ASN B 117 -4.22 -0.33 -18.76
CA ASN B 117 -5.48 -0.32 -18.10
C ASN B 117 -5.43 -1.15 -16.79
N LYS B 118 -4.54 -2.15 -16.70
CA LYS B 118 -4.39 -2.94 -15.50
C LYS B 118 -3.69 -2.06 -14.44
N VAL B 119 -2.69 -1.33 -14.85
CA VAL B 119 -2.06 -0.32 -13.95
C VAL B 119 -3.04 0.72 -13.47
N LYS B 120 -3.88 1.23 -14.36
CA LYS B 120 -4.89 2.23 -13.96
C LYS B 120 -5.85 1.63 -12.86
N THR B 121 -6.31 0.43 -13.08
CA THR B 121 -7.18 -0.26 -12.06
C THR B 121 -6.42 -0.46 -10.77
N SER B 122 -5.16 -0.86 -10.84
CA SER B 122 -4.36 -1.13 -9.63
C SER B 122 -4.15 0.13 -8.81
N LEU B 123 -3.89 1.24 -9.48
CA LEU B 123 -3.83 2.54 -8.80
C LEU B 123 -5.14 2.95 -8.20
N ASN B 124 -6.24 2.79 -8.92
CA ASN B 124 -7.61 3.17 -8.42
C ASN B 124 -7.96 2.30 -7.16
N GLU B 125 -7.45 1.11 -7.14
CA GLU B 125 -7.76 0.14 -6.10
C GLU B 125 -6.75 0.24 -4.97
N GLN B 126 -5.80 1.15 -5.08
CA GLN B 126 -4.80 1.35 -4.05
C GLN B 126 -3.96 0.13 -3.79
N MET B 127 -3.59 -0.55 -4.87
CA MET B 127 -2.80 -1.76 -4.78
CA MET B 127 -2.80 -1.76 -4.78
C MET B 127 -1.32 -1.53 -4.60
N TYR B 128 -0.84 -0.31 -4.83
CA TYR B 128 0.58 0.01 -4.67
C TYR B 128 0.82 0.69 -3.34
N THR B 129 1.69 0.10 -2.50
CA THR B 129 2.06 0.78 -1.22
C THR B 129 3.20 1.72 -1.33
N ARG B 130 4.07 1.55 -2.35
CA ARG B 130 5.22 2.40 -2.56
CA ARG B 130 5.17 2.47 -2.55
C ARG B 130 5.28 2.80 -4.08
N VAL B 131 5.97 3.86 -4.36
CA VAL B 131 6.16 4.32 -5.80
C VAL B 131 6.80 3.20 -6.62
N GLU B 132 7.75 2.45 -6.00
CA GLU B 132 8.28 1.25 -6.58
C GLU B 132 7.38 0.30 -7.24
N GLY B 133 6.23 -0.04 -6.64
CA GLY B 133 5.35 -1.00 -7.24
C GLY B 133 4.74 -0.50 -8.58
N PHE B 134 4.30 0.76 -8.58
CA PHE B 134 3.75 1.40 -9.80
C PHE B 134 4.86 1.41 -10.88
N VAL B 135 6.06 1.85 -10.57
CA VAL B 135 7.14 1.96 -11.60
C VAL B 135 7.52 0.61 -12.09
N GLN B 136 7.56 -0.38 -11.20
CA GLN B 136 7.86 -1.71 -11.66
C GLN B 136 6.87 -2.27 -12.64
N ASP B 137 5.59 -2.02 -12.45
CA ASP B 137 4.56 -2.56 -13.35
C ASP B 137 4.69 -1.77 -14.70
N MET B 138 4.95 -0.52 -14.64
CA MET B 138 5.02 0.28 -15.92
C MET B 138 6.22 -0.18 -16.74
N ARG B 139 7.37 -0.39 -16.07
CA ARG B 139 8.55 -0.93 -16.79
C ARG B 139 8.35 -2.30 -17.35
N LEU B 140 7.60 -3.11 -16.62
CA LEU B 140 7.27 -4.44 -17.05
C LEU B 140 6.54 -4.45 -18.39
N ILE B 141 5.64 -3.47 -18.58
CA ILE B 141 4.89 -3.40 -19.85
C ILE B 141 5.89 -3.41 -21.05
N PHE B 142 6.86 -2.56 -20.94
CA PHE B 142 7.82 -2.32 -22.08
C PHE B 142 8.83 -3.43 -22.15
N HIS B 143 9.13 -4.03 -20.99
CA HIS B 143 9.95 -5.27 -21.01
C HIS B 143 9.37 -6.38 -21.77
N ASN B 144 8.11 -6.72 -21.48
CA ASN B 144 7.43 -7.76 -22.12
C ASN B 144 7.34 -7.51 -23.63
N HIS B 145 7.07 -6.25 -23.98
CA HIS B 145 6.96 -5.90 -25.43
C HIS B 145 8.30 -6.23 -26.21
N LYS B 146 9.40 -5.85 -25.66
CA LYS B 146 10.74 -6.12 -26.25
C LYS B 146 10.99 -7.62 -26.26
N GLU B 147 10.60 -8.42 -25.25
CA GLU B 147 10.85 -9.86 -25.29
C GLU B 147 10.01 -10.61 -26.21
N PHE B 148 8.89 -10.04 -26.61
CA PHE B 148 8.02 -10.76 -27.48
C PHE B 148 8.40 -10.43 -28.95
N TYR B 149 8.57 -9.15 -29.20
CA TYR B 149 8.76 -8.67 -30.61
C TYR B 149 10.23 -8.83 -31.04
N ARG B 150 11.15 -8.86 -30.09
CA ARG B 150 12.59 -9.23 -30.34
C ARG B 150 13.16 -8.45 -31.51
N GLU B 151 13.50 -9.13 -32.61
CA GLU B 151 14.15 -8.48 -33.76
CA GLU B 151 14.16 -8.48 -33.75
C GLU B 151 13.24 -7.63 -34.63
N ASP B 152 11.93 -7.89 -34.54
CA ASP B 152 10.97 -7.10 -35.30
C ASP B 152 11.05 -5.63 -35.01
N LYS B 153 10.94 -4.83 -36.05
CA LYS B 153 11.06 -3.40 -35.87
C LYS B 153 9.99 -2.79 -34.92
N PHE B 154 8.91 -3.53 -34.76
CA PHE B 154 7.78 -3.13 -33.87
C PHE B 154 8.29 -2.96 -32.42
N THR B 155 9.42 -3.58 -32.08
CA THR B 155 10.11 -3.34 -30.76
CA THR B 155 10.01 -3.35 -30.75
C THR B 155 10.27 -1.89 -30.44
N ARG B 156 10.54 -1.07 -31.46
CA ARG B 156 10.84 0.31 -31.26
C ARG B 156 9.65 1.08 -30.61
N LEU B 157 8.40 0.65 -30.82
CA LEU B 157 7.23 1.30 -30.20
C LEU B 157 7.40 1.28 -28.65
N GLY B 158 7.88 0.17 -28.16
CA GLY B 158 8.11 -0.03 -26.70
C GLY B 158 9.19 0.89 -26.19
N ILE B 159 10.29 1.05 -26.96
CA ILE B 159 11.30 2.01 -26.63
C ILE B 159 10.79 3.43 -26.59
N GLN B 160 10.00 3.81 -27.63
CA GLN B 160 9.51 5.15 -27.70
C GLN B 160 8.55 5.52 -26.50
N VAL B 161 7.64 4.60 -26.21
CA VAL B 161 6.66 4.87 -25.13
C VAL B 161 7.39 4.80 -23.79
N GLN B 162 8.35 3.86 -23.65
CA GLN B 162 9.16 3.84 -22.38
C GLN B 162 9.88 5.16 -22.17
N ASP B 163 10.38 5.77 -23.25
CA ASP B 163 11.07 7.02 -23.07
CA ASP B 163 11.06 7.06 -23.12
C ASP B 163 10.18 8.18 -22.66
N ILE B 164 8.92 8.17 -23.12
CA ILE B 164 7.96 9.14 -22.61
C ILE B 164 7.71 8.91 -21.09
N PHE B 165 7.56 7.66 -20.73
CA PHE B 165 7.35 7.33 -19.25
C PHE B 165 8.55 7.85 -18.45
N GLU B 166 9.76 7.47 -18.91
CA GLU B 166 10.97 7.82 -18.11
C GLU B 166 11.25 9.29 -17.99
N LYS B 167 11.06 10.08 -19.06
CA LYS B 167 11.23 11.54 -18.98
C LYS B 167 10.21 12.15 -18.07
N ASN B 168 8.96 11.66 -18.12
CA ASN B 168 7.94 12.28 -17.22
C ASN B 168 8.19 11.88 -15.75
N PHE B 169 8.69 10.67 -15.54
CA PHE B 169 8.98 10.22 -14.18
C PHE B 169 10.05 11.13 -13.55
N ARG B 170 11.16 11.34 -14.27
CA ARG B 170 12.21 12.32 -13.80
C ARG B 170 11.70 13.72 -13.61
N ASN B 171 10.84 14.22 -14.51
CA ASN B 171 10.33 15.55 -14.30
C ASN B 171 9.37 15.65 -13.13
N ILE B 172 8.41 14.75 -13.07
CA ILE B 172 7.34 14.80 -12.00
C ILE B 172 7.96 14.66 -10.60
N PHE B 173 8.93 13.76 -10.46
CA PHE B 173 9.54 13.46 -9.16
C PHE B 173 10.88 14.19 -8.95
N ALA B 174 11.24 15.11 -9.85
CA ALA B 174 12.48 15.90 -9.77
C ALA B 174 13.71 15.05 -9.54
N ILE B 175 13.93 14.06 -10.38
CA ILE B 175 15.03 13.09 -10.18
C ILE B 175 16.26 13.72 -10.79
N GLN B 176 17.41 13.69 -10.10
CA GLN B 176 18.72 14.17 -10.65
C GLN B 176 18.95 13.89 -12.17
N GLU B 177 19.51 14.87 -12.89
CA GLU B 177 19.73 14.77 -14.37
C GLU B 177 21.06 14.07 -14.71
ZN ZN C . 11.19 -9.20 7.70
ZN ZN D . 7.57 -21.97 13.90
ZN ZN E . -7.54 -27.22 28.92
O1 MES F . 2.37 20.39 2.82
C2 MES F . 0.99 20.43 2.58
C3 MES F . 0.31 19.15 3.03
N4 MES F . 0.91 17.98 2.36
C5 MES F . 2.37 17.89 2.47
C6 MES F . 3.14 19.22 2.47
C7 MES F . 0.24 16.64 2.61
C8 MES F . -1.23 16.64 3.01
S MES F . -2.05 15.18 2.60
O1S MES F . -3.29 14.99 3.41
O2S MES F . -1.11 14.07 2.71
O3S MES F . -2.51 15.43 1.21
C1 EDO G . -15.96 -3.50 22.65
O1 EDO G . -15.92 -3.40 21.22
C2 EDO G . -16.88 -4.61 23.14
O2 EDO G . -16.43 -5.22 24.37
ZN ZN H . -10.39 11.47 -24.12
ZN ZN I . -6.72 22.43 -15.11
C1 EDO J . -5.11 15.83 -1.82
O1 EDO J . -5.84 15.75 -3.05
C2 EDO J . -3.75 15.20 -1.99
O2 EDO J . -3.05 15.87 -3.04
#